data_3G06
#
_entry.id   3G06
#
_cell.length_a   76.885
_cell.length_b   76.885
_cell.length_c   281.054
_cell.angle_alpha   90.00
_cell.angle_beta   90.00
_cell.angle_gamma   90.00
#
_symmetry.space_group_name_H-M   'P 43 21 2'
#
loop_
_entity.id
_entity.type
_entity.pdbx_description
1 polymer 'SspH2 (Leucine-rich repeat protein)'
2 water water
#
_entity_poly.entity_id   1
_entity_poly.type   'polypeptide(L)'
_entity_poly.pdbx_seq_one_letter_code
;GPVDPAEYDAVWSAWRRAAPAEESRGRAAVVQKMRACLNNGNAVLNVGESGLTTLPDCLPAHITTLVIPDNNLTSLPALP
PELRTLEVSGNQLTSLPVLPPGLLELSIFSNPLTHLPALPSGLCKLWIFGNQLTSLPVLPPGLQELSVSDNQLASLPALP
SELCKLWAYNNQLTSLPMLPSGLQELSVSDNQLASLPTLPSELYKLWAYNNRLTSLPALPSGLKELIVSGNRLTSLPVLP
SELKELMVSGNRLTSLPMLPSGLLSLSVYRNQLTRLPESLIHLSSETTVNLEGNPLSERTLQALREITSAPGYSGPIIRF
DMAGASAPRETRALHLAAADWLVPAREGEPAPADRWHMFGQEDNADAFSLFLDRLSETENFIKDAGFKAQISSWLAQLAE
DEALRANTFAMATEATSSCEDRVTFFLHQMKNVQLVHNAEKGQYDNDLAALVATGREMFRLGKLEQIAREKVRTLALVDE
IEVWLAYQNKLKKSLGLTSVTSEMRFFDVSGVTVTDLQDAELQVKAAEKSEFREWILQWGPLHRVLERKAPERVNALREK
QISDYEETYRMLSDTELRPSGLVGNTDAERTIGARAMESAKKTFLDGLRPLVEEMLGSYLNV
;
_entity_poly.pdbx_strand_id   A
#
# COMPACT_ATOMS: atom_id res chain seq x y z
N ALA A 10 50.11 2.99 15.57
CA ALA A 10 51.10 2.09 14.88
C ALA A 10 50.53 0.89 14.09
N VAL A 11 49.51 0.22 14.64
CA VAL A 11 48.77 -0.72 13.83
C VAL A 11 47.82 0.17 13.04
N TRP A 12 47.37 1.22 13.70
CA TRP A 12 46.45 2.18 13.12
C TRP A 12 47.07 2.99 12.02
N SER A 13 48.37 3.26 12.13
CA SER A 13 49.12 3.98 11.07
C SER A 13 49.30 3.13 9.83
N ALA A 14 49.75 1.90 10.00
CA ALA A 14 49.77 0.97 8.91
C ALA A 14 48.41 0.88 8.19
N TRP A 15 47.34 0.84 8.97
CA TRP A 15 45.98 0.72 8.40
C TRP A 15 45.60 1.99 7.62
N ARG A 16 45.85 3.16 8.20
CA ARG A 16 45.42 4.43 7.59
C ARG A 16 46.13 4.60 6.25
N ARG A 17 47.35 4.09 6.17
CA ARG A 17 48.15 4.27 4.98
C ARG A 17 47.85 3.23 3.90
N ALA A 18 47.24 2.11 4.30
CA ALA A 18 46.85 1.05 3.34
C ALA A 18 45.56 1.38 2.59
N ALA A 19 45.06 2.60 2.79
CA ALA A 19 43.80 3.07 2.24
C ALA A 19 43.68 3.24 0.71
N PRO A 20 42.67 2.60 0.08
CA PRO A 20 42.32 3.19 -1.23
C PRO A 20 42.15 4.73 -1.10
N ALA A 21 42.63 5.47 -2.09
CA ALA A 21 42.74 6.95 -2.00
C ALA A 21 41.45 7.68 -1.57
N GLU A 22 40.31 7.23 -2.09
CA GLU A 22 39.05 7.78 -1.63
C GLU A 22 38.63 7.41 -0.21
N GLU A 23 39.30 6.45 0.40
CA GLU A 23 39.01 6.11 1.78
C GLU A 23 40.02 6.73 2.79
N SER A 24 41.10 7.30 2.30
CA SER A 24 42.19 7.87 3.11
C SER A 24 41.68 8.84 4.19
N ARG A 25 40.84 9.80 3.80
CA ARG A 25 40.29 10.74 4.80
C ARG A 25 39.37 10.03 5.83
N GLY A 26 38.55 9.10 5.34
CA GLY A 26 37.65 8.34 6.22
C GLY A 26 38.42 7.55 7.23
N ARG A 27 39.52 6.93 6.81
CA ARG A 27 40.37 6.18 7.73
C ARG A 27 41.06 7.09 8.76
N ALA A 28 41.43 8.30 8.32
CA ALA A 28 42.01 9.28 9.26
C ALA A 28 40.99 9.65 10.31
N ALA A 29 39.74 9.92 9.88
CA ALA A 29 38.63 10.14 10.80
C ALA A 29 38.39 9.01 11.82
N VAL A 30 38.57 7.76 11.39
CA VAL A 30 38.34 6.61 12.30
C VAL A 30 39.52 6.54 13.31
N VAL A 31 40.75 6.67 12.80
CA VAL A 31 41.90 6.77 13.71
C VAL A 31 41.73 7.92 14.77
N GLN A 32 41.24 9.08 14.36
CA GLN A 32 40.95 10.18 15.28
C GLN A 32 39.96 9.79 16.38
N LYS A 33 38.89 9.10 16.00
CA LYS A 33 37.92 8.57 16.98
C LYS A 33 38.51 7.56 17.98
N MET A 34 39.33 6.67 17.46
CA MET A 34 39.97 5.62 18.25
C MET A 34 40.96 6.23 19.23
N ARG A 35 41.75 7.19 18.74
CA ARG A 35 42.63 7.98 19.62
C ARG A 35 41.83 8.65 20.75
N ALA A 36 40.71 9.27 20.39
CA ALA A 36 39.81 9.90 21.36
C ALA A 36 39.39 8.92 22.44
N CYS A 37 39.00 7.70 22.07
CA CYS A 37 38.70 6.63 23.09
C CYS A 37 39.84 6.30 24.02
N LEU A 38 41.03 6.11 23.44
CA LEU A 38 42.19 5.69 24.18
C LEU A 38 42.66 6.82 25.11
N ASN A 39 42.48 8.06 24.66
CA ASN A 39 42.91 9.22 25.41
C ASN A 39 41.96 9.80 26.46
N ASN A 40 40.63 9.57 26.34
CA ASN A 40 39.67 10.14 27.32
C ASN A 40 38.88 9.07 28.06
N GLY A 41 39.07 7.80 27.68
CA GLY A 41 38.39 6.68 28.32
C GLY A 41 36.96 6.44 27.82
N ASN A 42 36.47 7.29 26.92
CA ASN A 42 35.23 7.09 26.17
C ASN A 42 35.15 5.68 25.67
N ALA A 43 34.09 4.99 26.06
CA ALA A 43 33.95 3.59 25.79
C ALA A 43 32.96 3.26 24.65
N VAL A 44 32.53 4.28 23.91
CA VAL A 44 31.69 4.16 22.71
C VAL A 44 32.52 4.50 21.48
N LEU A 45 32.60 3.58 20.51
CA LEU A 45 33.23 3.91 19.20
C LEU A 45 32.21 3.67 18.09
N ASN A 46 32.01 4.71 17.27
CA ASN A 46 31.17 4.57 16.12
C ASN A 46 32.05 4.92 14.95
N VAL A 47 32.33 3.96 14.06
CA VAL A 47 33.34 4.20 13.02
C VAL A 47 32.86 5.09 11.84
N GLY A 48 31.59 5.49 11.88
CA GLY A 48 30.98 6.30 10.80
C GLY A 48 30.72 5.56 9.50
N GLU A 49 29.94 6.19 8.62
CA GLU A 49 29.78 5.76 7.25
C GLU A 49 30.82 6.38 6.37
N SER A 50 31.92 5.69 6.12
CA SER A 50 33.05 6.25 5.40
C SER A 50 33.48 5.40 4.20
N GLY A 51 32.61 4.52 3.72
CA GLY A 51 32.99 3.57 2.65
C GLY A 51 34.18 2.65 2.99
N LEU A 52 34.36 2.37 4.29
CA LEU A 52 35.46 1.57 4.78
C LEU A 52 35.41 0.22 4.12
N THR A 53 36.56 -0.27 3.65
CA THR A 53 36.66 -1.63 3.13
C THR A 53 37.36 -2.61 4.10
N THR A 54 38.04 -2.08 5.12
CA THR A 54 38.67 -2.89 6.08
C THR A 54 38.66 -2.04 7.31
N LEU A 55 38.76 -2.67 8.47
CA LEU A 55 39.01 -1.96 9.74
C LEU A 55 40.40 -2.35 10.18
N PRO A 56 41.05 -1.53 11.04
CA PRO A 56 42.36 -1.95 11.55
C PRO A 56 42.21 -3.20 12.42
N ASP A 57 43.34 -3.88 12.68
CA ASP A 57 43.39 -5.15 13.39
C ASP A 57 43.16 -5.10 14.89
N CYS A 58 43.45 -3.95 15.53
CA CYS A 58 43.18 -3.72 16.97
C CYS A 58 42.20 -2.61 16.99
N LEU A 59 41.26 -2.68 17.91
CA LEU A 59 40.37 -1.60 18.27
C LEU A 59 40.73 -1.22 19.71
N PRO A 60 40.41 0.01 20.19
CA PRO A 60 40.77 0.29 21.61
C PRO A 60 40.11 -0.75 22.52
N ALA A 61 40.86 -1.15 23.56
CA ALA A 61 40.59 -2.35 24.31
C ALA A 61 39.53 -2.20 25.42
N HIS A 62 39.23 -0.98 25.85
CA HIS A 62 38.18 -0.73 26.86
C HIS A 62 36.78 -0.42 26.26
N ILE A 63 36.65 -0.43 24.92
CA ILE A 63 35.38 -0.13 24.24
C ILE A 63 34.26 -1.06 24.73
N THR A 64 33.13 -0.49 25.14
CA THR A 64 31.94 -1.29 25.59
C THR A 64 30.73 -1.25 24.57
N THR A 65 30.63 -0.18 23.80
CA THR A 65 29.73 -0.08 22.66
C THR A 65 30.53 0.12 21.40
N LEU A 66 30.36 -0.80 20.46
CA LEU A 66 30.92 -0.62 19.11
C LEU A 66 29.78 -0.56 18.05
N VAL A 67 29.72 0.55 17.30
CA VAL A 67 28.72 0.76 16.27
C VAL A 67 29.47 0.80 14.93
N ILE A 68 29.09 -0.09 14.03
CA ILE A 68 29.64 -0.11 12.68
C ILE A 68 28.52 0.25 11.66
N PRO A 69 28.48 1.51 11.17
CA PRO A 69 27.42 1.81 10.22
C PRO A 69 27.68 1.25 8.82
N ASP A 70 26.85 1.64 7.85
CA ASP A 70 26.93 1.13 6.49
C ASP A 70 28.28 1.40 5.95
N ASN A 71 28.97 0.35 5.55
CA ASN A 71 30.30 0.52 4.98
C ASN A 71 30.46 -0.58 3.95
N ASN A 72 31.69 -1.00 3.63
CA ASN A 72 31.86 -2.00 2.61
C ASN A 72 32.72 -3.10 3.17
N LEU A 73 32.49 -3.33 4.45
CA LEU A 73 33.30 -4.27 5.23
C LEU A 73 33.02 -5.73 4.90
N THR A 74 34.07 -6.55 4.93
CA THR A 74 34.07 -7.95 4.53
C THR A 74 34.38 -8.86 5.73
N SER A 75 35.02 -8.23 6.73
CA SER A 75 35.58 -8.87 7.90
C SER A 75 35.52 -7.86 9.01
N LEU A 76 35.29 -8.34 10.24
CA LEU A 76 35.57 -7.49 11.42
C LEU A 76 36.85 -8.00 12.09
N PRO A 77 37.64 -7.10 12.73
CA PRO A 77 38.75 -7.54 13.61
C PRO A 77 38.26 -8.29 14.87
N ALA A 78 39.20 -8.84 15.63
CA ALA A 78 38.93 -9.31 17.00
C ALA A 78 38.22 -8.18 17.70
N LEU A 79 37.28 -8.51 18.57
CA LEU A 79 36.45 -7.51 19.22
C LEU A 79 37.00 -7.18 20.60
N PRO A 80 36.88 -5.88 21.02
CA PRO A 80 37.38 -5.41 22.32
C PRO A 80 36.82 -6.35 23.40
N PRO A 81 37.68 -6.91 24.30
CA PRO A 81 37.20 -7.93 25.28
C PRO A 81 36.10 -7.49 26.26
N GLU A 82 35.88 -6.19 26.45
CA GLU A 82 34.89 -5.74 27.43
C GLU A 82 33.57 -5.39 26.77
N LEU A 83 33.44 -5.76 25.47
CA LEU A 83 32.30 -5.35 24.64
C LEU A 83 31.00 -5.77 25.31
N ARG A 84 30.08 -4.83 25.43
CA ARG A 84 28.71 -5.17 25.86
C ARG A 84 27.69 -5.14 24.69
N THR A 85 27.89 -4.21 23.75
CA THR A 85 26.95 -3.94 22.69
C THR A 85 27.73 -3.93 21.35
N LEU A 86 27.36 -4.80 20.42
CA LEU A 86 27.76 -4.67 19.02
C LEU A 86 26.56 -4.31 18.08
N GLU A 87 26.71 -3.28 17.21
CA GLU A 87 25.65 -2.96 16.28
C GLU A 87 26.25 -2.77 14.88
N VAL A 88 25.78 -3.56 13.91
CA VAL A 88 26.39 -3.53 12.57
C VAL A 88 25.30 -3.33 11.52
N SER A 89 25.49 -2.33 10.66
CA SER A 89 24.53 -2.04 9.58
C SER A 89 24.98 -2.67 8.30
N GLY A 90 24.40 -2.24 7.19
CA GLY A 90 24.74 -2.83 5.92
C GLY A 90 26.23 -2.88 5.49
N ASN A 91 26.76 -4.08 5.35
CA ASN A 91 28.12 -4.34 5.02
C ASN A 91 28.09 -5.68 4.24
N GLN A 92 29.27 -6.26 3.90
CA GLN A 92 29.35 -7.57 3.24
C GLN A 92 30.00 -8.62 4.13
N LEU A 93 29.63 -8.63 5.40
CA LEU A 93 30.22 -9.61 6.31
C LEU A 93 29.60 -10.95 6.01
N THR A 94 30.45 -11.95 5.93
CA THR A 94 30.00 -13.34 5.71
C THR A 94 30.21 -14.19 6.97
N SER A 95 30.70 -13.55 8.03
CA SER A 95 30.86 -14.17 9.33
C SER A 95 31.15 -13.06 10.33
N LEU A 96 31.07 -13.43 11.61
CA LEU A 96 31.43 -12.52 12.71
C LEU A 96 32.57 -13.12 13.50
N PRO A 97 33.45 -12.26 14.08
CA PRO A 97 34.49 -12.75 14.98
C PRO A 97 33.86 -13.46 16.23
N VAL A 98 34.67 -14.21 16.97
CA VAL A 98 34.30 -14.62 18.33
C VAL A 98 33.69 -13.49 19.12
N LEU A 99 32.60 -13.78 19.82
CA LEU A 99 31.95 -12.70 20.53
C LEU A 99 32.48 -12.67 21.96
N PRO A 100 32.86 -11.48 22.44
CA PRO A 100 33.31 -11.28 23.83
C PRO A 100 32.27 -11.76 24.88
N PRO A 101 32.75 -12.49 25.90
CA PRO A 101 31.99 -13.18 26.94
C PRO A 101 30.90 -12.36 27.60
N GLY A 102 31.12 -11.05 27.76
CA GLY A 102 30.17 -10.14 28.39
C GLY A 102 29.20 -9.42 27.46
N LEU A 103 29.17 -9.81 26.18
CA LEU A 103 28.22 -9.20 25.26
C LEU A 103 26.75 -9.36 25.74
N LEU A 104 26.00 -8.30 25.62
CA LEU A 104 24.60 -8.21 26.08
C LEU A 104 23.59 -8.00 24.96
N GLU A 105 23.98 -7.27 23.92
CA GLU A 105 23.14 -6.99 22.77
C GLU A 105 23.96 -7.18 21.51
N LEU A 106 23.37 -7.88 20.54
CA LEU A 106 23.98 -8.11 19.26
C LEU A 106 22.98 -7.66 18.19
N SER A 107 23.34 -6.64 17.41
CA SER A 107 22.53 -6.27 16.23
C SER A 107 23.33 -6.35 14.96
N ILE A 108 22.77 -7.05 13.98
CA ILE A 108 23.34 -7.05 12.66
C ILE A 108 22.24 -7.07 11.63
N PHE A 109 22.37 -6.17 10.65
CA PHE A 109 21.34 -5.90 9.69
C PHE A 109 21.93 -5.88 8.29
N SER A 110 21.27 -6.48 7.29
CA SER A 110 21.59 -6.22 5.91
C SER A 110 23.03 -6.61 5.51
N ASN A 111 23.42 -7.82 5.91
CA ASN A 111 24.69 -8.45 5.58
C ASN A 111 24.40 -9.84 5.00
N PRO A 112 25.30 -10.37 4.13
CA PRO A 112 25.09 -11.67 3.48
C PRO A 112 25.35 -12.87 4.39
N LEU A 113 25.64 -12.59 5.64
CA LEU A 113 25.84 -13.50 6.75
C LEU A 113 24.87 -14.71 6.78
N THR A 114 25.38 -15.93 6.77
CA THR A 114 24.45 -17.10 6.82
C THR A 114 24.36 -17.87 8.16
N HIS A 115 25.29 -17.56 9.07
CA HIS A 115 25.46 -18.30 10.32
C HIS A 115 26.14 -17.32 11.29
N LEU A 116 25.93 -17.56 12.58
CA LEU A 116 26.45 -16.75 13.64
C LEU A 116 27.45 -17.55 14.48
N PRO A 117 28.38 -16.86 15.18
CA PRO A 117 29.22 -17.62 16.12
C PRO A 117 28.43 -17.99 17.41
N ALA A 118 29.07 -18.76 18.30
CA ALA A 118 28.59 -19.02 19.68
C ALA A 118 28.12 -17.75 20.39
N LEU A 119 26.98 -17.87 21.04
CA LEU A 119 26.36 -16.72 21.68
C LEU A 119 26.67 -16.79 23.18
N PRO A 120 27.18 -15.67 23.77
CA PRO A 120 27.60 -15.60 25.18
C PRO A 120 26.39 -15.79 26.05
N SER A 121 26.57 -16.42 27.23
CA SER A 121 25.43 -16.89 28.02
C SER A 121 24.59 -15.75 28.62
N GLY A 122 25.19 -14.58 28.78
CA GLY A 122 24.47 -13.40 29.24
C GLY A 122 23.89 -12.53 28.15
N LEU A 123 23.79 -13.03 26.91
CA LEU A 123 23.17 -12.20 25.88
C LEU A 123 21.70 -11.96 26.20
N CYS A 124 21.23 -10.74 26.06
CA CYS A 124 19.80 -10.40 26.24
C CYS A 124 19.01 -10.00 24.98
N LYS A 125 19.70 -9.39 24.01
CA LYS A 125 19.01 -8.95 22.82
C LYS A 125 19.70 -9.47 21.58
N LEU A 126 18.95 -10.17 20.74
CA LEU A 126 19.50 -10.66 19.53
C LEU A 126 18.69 -10.14 18.34
N TRP A 127 19.20 -9.08 17.74
CA TRP A 127 18.49 -8.39 16.68
C TRP A 127 19.20 -8.70 15.38
N ILE A 128 18.79 -9.78 14.72
CA ILE A 128 19.54 -10.26 13.54
C ILE A 128 18.67 -10.48 12.30
N PHE A 129 17.67 -9.64 12.17
CA PHE A 129 16.80 -9.65 11.04
C PHE A 129 17.46 -9.13 9.78
N GLY A 130 17.07 -9.66 8.63
CA GLY A 130 17.48 -9.03 7.37
C GLY A 130 18.86 -9.37 6.91
N ASN A 131 19.31 -10.60 7.19
CA ASN A 131 20.57 -11.09 6.71
C ASN A 131 20.23 -12.25 5.80
N GLN A 132 21.01 -13.35 5.87
CA GLN A 132 20.81 -14.49 5.02
C GLN A 132 20.91 -15.74 5.85
N LEU A 133 20.42 -15.70 7.08
CA LEU A 133 20.77 -16.74 8.01
C LEU A 133 20.00 -17.98 7.68
N THR A 134 20.72 -19.12 7.68
CA THR A 134 20.13 -20.43 7.43
C THR A 134 20.11 -21.28 8.67
N SER A 135 20.73 -20.81 9.74
CA SER A 135 20.65 -21.53 11.01
C SER A 135 20.93 -20.55 12.08
N LEU A 136 20.58 -20.91 13.31
CA LEU A 136 20.90 -20.16 14.53
C LEU A 136 21.74 -21.02 15.49
N PRO A 137 22.61 -20.37 16.31
CA PRO A 137 23.32 -21.11 17.37
C PRO A 137 22.30 -21.43 18.47
N VAL A 138 22.74 -22.26 19.41
CA VAL A 138 22.00 -22.47 20.64
C VAL A 138 21.81 -21.11 21.31
N LEU A 139 20.57 -20.82 21.69
CA LEU A 139 20.21 -19.56 22.27
C LEU A 139 20.47 -19.57 23.80
N PRO A 140 21.17 -18.56 24.31
CA PRO A 140 21.36 -18.41 25.77
C PRO A 140 20.03 -18.35 26.55
N PRO A 141 19.95 -19.07 27.68
CA PRO A 141 18.69 -19.14 28.42
C PRO A 141 18.11 -17.78 28.85
N GLY A 142 18.96 -16.77 29.12
CA GLY A 142 18.48 -15.46 29.55
C GLY A 142 18.13 -14.49 28.41
N LEU A 143 18.23 -14.96 27.17
CA LEU A 143 17.79 -14.12 26.00
C LEU A 143 16.33 -13.63 26.17
N GLN A 144 16.11 -12.33 25.96
CA GLN A 144 14.81 -11.69 26.20
C GLN A 144 14.12 -11.34 24.86
N GLU A 145 14.90 -11.03 23.83
CA GLU A 145 14.32 -10.73 22.54
C GLU A 145 15.08 -11.43 21.46
N LEU A 146 14.32 -12.03 20.53
CA LEU A 146 14.85 -12.70 19.37
C LEU A 146 14.22 -12.12 18.12
N SER A 147 14.96 -11.37 17.33
CA SER A 147 14.32 -10.74 16.17
C SER A 147 15.08 -11.27 14.96
N VAL A 148 14.46 -12.10 14.13
CA VAL A 148 15.22 -12.85 13.16
C VAL A 148 14.42 -12.98 11.84
N SER A 149 13.55 -12.02 11.65
CA SER A 149 12.70 -11.99 10.47
C SER A 149 13.56 -11.74 9.24
N ASP A 150 12.98 -11.96 8.05
CA ASP A 150 13.66 -11.67 6.75
C ASP A 150 15.00 -12.38 6.69
N ASN A 151 15.03 -13.68 6.99
CA ASN A 151 16.27 -14.48 6.81
C ASN A 151 15.89 -15.72 5.93
N GLN A 152 16.67 -16.77 6.02
CA GLN A 152 16.39 -17.99 5.27
C GLN A 152 16.30 -19.20 6.22
N LEU A 153 15.59 -19.05 7.34
CA LEU A 153 15.56 -20.09 8.31
C LEU A 153 14.45 -21.10 8.02
N ALA A 154 14.83 -22.39 8.01
CA ALA A 154 13.88 -23.49 7.96
C ALA A 154 13.31 -23.90 9.32
N SER A 155 13.97 -23.55 10.42
CA SER A 155 13.50 -23.91 11.76
C SER A 155 14.17 -22.98 12.75
N LEU A 156 13.70 -22.97 13.99
CA LEU A 156 14.30 -22.22 15.08
C LEU A 156 14.78 -23.24 16.07
N PRO A 157 15.82 -22.91 16.81
CA PRO A 157 16.26 -23.77 17.88
C PRO A 157 15.32 -23.69 19.08
N ALA A 158 15.54 -24.55 20.06
CA ALA A 158 14.81 -24.49 21.30
C ALA A 158 14.90 -23.07 21.83
N LEU A 159 13.77 -22.61 22.31
CA LEU A 159 13.62 -21.21 22.71
C LEU A 159 13.94 -21.09 24.21
N PRO A 160 14.79 -20.10 24.58
CA PRO A 160 15.13 -19.87 26.00
C PRO A 160 13.91 -19.54 26.86
N SER A 161 13.94 -20.02 28.10
CA SER A 161 12.85 -19.91 29.06
C SER A 161 12.43 -18.45 29.35
N GLU A 162 13.38 -17.53 29.27
CA GLU A 162 13.13 -16.13 29.56
C GLU A 162 12.71 -15.24 28.37
N LEU A 163 12.50 -15.78 27.16
CA LEU A 163 12.17 -14.91 25.98
C LEU A 163 10.89 -14.13 26.17
N CYS A 164 10.84 -12.82 25.86
CA CYS A 164 9.53 -12.08 25.91
C CYS A 164 9.02 -11.77 24.53
N LYS A 165 9.93 -11.72 23.54
CA LYS A 165 9.57 -11.38 22.15
C LYS A 165 10.25 -12.28 21.15
N LEU A 166 9.47 -12.83 20.22
CA LEU A 166 9.98 -13.64 19.14
C LEU A 166 9.40 -13.09 17.82
N TRP A 167 10.23 -12.41 17.01
CA TRP A 167 9.87 -11.98 15.65
C TRP A 167 10.69 -12.83 14.68
N ALA A 168 9.99 -13.45 13.72
CA ALA A 168 10.67 -14.36 12.80
C ALA A 168 9.83 -14.48 11.55
N TYR A 169 9.24 -13.36 11.16
CA TYR A 169 8.38 -13.35 9.95
C TYR A 169 9.21 -13.39 8.67
N ASN A 170 8.62 -13.87 7.57
CA ASN A 170 9.36 -13.99 6.32
C ASN A 170 10.61 -14.84 6.43
N ASN A 171 10.45 -16.06 6.98
CA ASN A 171 11.42 -17.09 6.93
C ASN A 171 10.78 -18.23 6.13
N GLN A 172 11.18 -19.46 6.38
CA GLN A 172 10.57 -20.67 5.74
C GLN A 172 10.22 -21.71 6.81
N LEU A 173 9.75 -21.25 7.98
CA LEU A 173 9.35 -22.07 9.08
C LEU A 173 8.09 -22.85 8.77
N THR A 174 8.14 -24.14 9.10
CA THR A 174 6.94 -25.03 9.00
C THR A 174 6.31 -25.39 10.37
N SER A 175 7.05 -25.22 11.47
CA SER A 175 6.49 -25.29 12.84
C SER A 175 7.36 -24.44 13.75
N LEU A 176 6.89 -24.23 14.98
CA LEU A 176 7.68 -23.52 15.99
C LEU A 176 8.03 -24.43 17.15
N PRO A 177 9.17 -24.16 17.82
CA PRO A 177 9.39 -25.00 18.96
C PRO A 177 8.39 -24.62 20.07
N MET A 178 8.39 -25.39 21.17
CA MET A 178 7.58 -25.00 22.33
C MET A 178 7.90 -23.60 22.77
N LEU A 179 6.84 -22.83 23.05
CA LEU A 179 7.00 -21.43 23.45
C LEU A 179 7.20 -21.19 24.95
N PRO A 180 8.17 -20.32 25.30
CA PRO A 180 8.46 -19.96 26.67
C PRO A 180 7.25 -19.37 27.40
N SER A 181 7.11 -19.67 28.69
CA SER A 181 5.91 -19.24 29.46
C SER A 181 5.66 -17.72 29.52
N GLY A 182 6.70 -16.88 29.53
CA GLY A 182 6.54 -15.40 29.60
C GLY A 182 6.45 -14.67 28.26
N LEU A 183 6.37 -15.42 27.16
CA LEU A 183 6.36 -14.79 25.86
C LEU A 183 5.15 -13.86 25.75
N GLN A 184 5.39 -12.65 25.31
CA GLN A 184 4.41 -11.61 25.26
C GLN A 184 4.04 -11.30 23.81
N GLU A 185 5.02 -11.46 22.92
CA GLU A 185 4.89 -11.14 21.50
C GLU A 185 5.38 -12.27 20.62
N LEU A 186 4.51 -12.70 19.68
CA LEU A 186 4.80 -13.76 18.71
C LEU A 186 4.47 -13.18 17.32
N SER A 187 5.47 -13.01 16.45
CA SER A 187 5.18 -12.34 15.16
C SER A 187 5.90 -13.13 14.11
N VAL A 188 5.19 -14.06 13.46
CA VAL A 188 5.78 -15.14 12.62
C VAL A 188 5.05 -15.29 11.29
N SER A 189 4.62 -14.16 10.77
CA SER A 189 3.89 -14.10 9.52
C SER A 189 4.76 -14.42 8.29
N ASP A 190 4.13 -14.68 7.12
CA ASP A 190 4.89 -14.99 5.95
C ASP A 190 5.92 -16.11 6.15
N ASN A 191 5.48 -17.22 6.74
CA ASN A 191 6.19 -18.50 6.83
C ASN A 191 5.32 -19.60 6.19
N GLN A 192 5.56 -20.89 6.49
CA GLN A 192 4.69 -22.00 6.03
C GLN A 192 4.22 -22.85 7.23
N LEU A 193 3.80 -22.21 8.30
CA LEU A 193 3.45 -22.88 9.55
C LEU A 193 2.17 -23.67 9.32
N ALA A 194 2.22 -24.98 9.52
CA ALA A 194 1.00 -25.79 9.41
C ALA A 194 0.20 -25.73 10.74
N SER A 195 0.87 -25.35 11.82
CA SER A 195 0.18 -25.12 13.06
C SER A 195 1.03 -24.23 14.02
N LEU A 196 0.38 -23.77 15.07
CA LEU A 196 1.03 -23.10 16.22
C LEU A 196 1.06 -24.06 17.43
N PRO A 197 2.10 -23.97 18.29
CA PRO A 197 2.04 -24.81 19.48
C PRO A 197 1.22 -24.08 20.53
N THR A 198 1.06 -24.67 21.71
CA THR A 198 0.27 -24.07 22.79
C THR A 198 0.77 -22.69 23.05
N LEU A 199 -0.15 -21.77 23.25
CA LEU A 199 0.16 -20.36 23.35
C LEU A 199 0.32 -19.99 24.80
N PRO A 200 1.41 -19.26 25.11
CA PRO A 200 1.72 -18.90 26.50
C PRO A 200 0.74 -17.85 27.10
N SER A 201 0.58 -17.90 28.42
CA SER A 201 -0.47 -17.15 29.09
C SER A 201 -0.33 -15.64 29.01
N GLU A 202 0.90 -15.12 28.85
CA GLU A 202 1.08 -13.66 28.91
C GLU A 202 1.15 -13.06 27.53
N LEU A 203 0.97 -13.88 26.52
CA LEU A 203 1.01 -13.38 25.13
C LEU A 203 -0.06 -12.31 24.87
N TYR A 204 0.32 -11.07 24.52
CA TYR A 204 -0.70 -10.09 24.19
C TYR A 204 -0.82 -9.85 22.65
N LYS A 205 0.09 -10.40 21.89
CA LYS A 205 0.12 -10.11 20.42
C LYS A 205 0.51 -11.35 19.65
N LEU A 206 -0.37 -11.73 18.73
CA LEU A 206 -0.16 -12.88 17.85
C LEU A 206 -0.39 -12.47 16.40
N TRP A 207 0.72 -12.34 15.65
CA TRP A 207 0.66 -12.00 14.22
C TRP A 207 1.24 -13.22 13.50
N ALA A 208 0.40 -13.88 12.71
CA ALA A 208 0.85 -15.03 11.91
C ALA A 208 0.15 -15.05 10.56
N TYR A 209 0.04 -13.88 9.90
CA TYR A 209 -0.62 -13.83 8.62
C TYR A 209 0.16 -14.59 7.60
N ASN A 210 -0.54 -15.00 6.55
CA ASN A 210 0.11 -15.71 5.41
C ASN A 210 0.96 -16.89 5.85
N ASN A 211 0.33 -17.87 6.49
CA ASN A 211 0.89 -19.15 6.83
C ASN A 211 -0.06 -20.22 6.27
N ARG A 212 -0.06 -21.41 6.87
CA ARG A 212 -0.85 -22.53 6.39
C ARG A 212 -1.69 -23.10 7.54
N LEU A 213 -2.12 -22.24 8.48
CA LEU A 213 -2.85 -22.69 9.71
C LEU A 213 -4.25 -23.12 9.30
N THR A 214 -4.73 -24.24 9.84
CA THR A 214 -6.10 -24.70 9.56
C THR A 214 -6.97 -24.61 10.82
N SER A 215 -6.33 -24.54 12.00
CA SER A 215 -7.06 -24.24 13.26
C SER A 215 -6.14 -23.38 14.11
N LEU A 216 -6.68 -22.81 15.20
CA LEU A 216 -5.82 -22.12 16.20
C LEU A 216 -5.85 -22.83 17.56
N PRO A 217 -4.72 -22.83 18.30
CA PRO A 217 -4.69 -23.29 19.73
C PRO A 217 -5.65 -22.41 20.57
N ALA A 218 -6.00 -22.82 21.82
CA ALA A 218 -6.76 -21.91 22.74
C ALA A 218 -6.06 -20.55 22.86
N LEU A 219 -6.84 -19.47 22.87
CA LEU A 219 -6.23 -18.13 22.97
C LEU A 219 -6.09 -17.61 24.42
N PRO A 220 -4.89 -17.06 24.75
CA PRO A 220 -4.52 -16.46 26.05
C PRO A 220 -5.52 -15.40 26.47
N SER A 221 -5.87 -15.37 27.75
CA SER A 221 -6.87 -14.40 28.25
C SER A 221 -6.59 -12.94 27.96
N GLY A 222 -5.32 -12.57 27.95
CA GLY A 222 -4.98 -11.16 27.72
C GLY A 222 -4.53 -10.84 26.29
N LEU A 223 -4.91 -11.66 25.31
CA LEU A 223 -4.50 -11.43 23.94
C LEU A 223 -5.24 -10.20 23.41
N LYS A 224 -4.50 -9.21 22.89
CA LYS A 224 -5.04 -7.95 22.38
C LYS A 224 -5.09 -7.90 20.84
N GLU A 225 -4.15 -8.57 20.17
CA GLU A 225 -4.16 -8.57 18.70
C GLU A 225 -4.04 -9.93 18.17
N LEU A 226 -4.89 -10.26 17.20
CA LEU A 226 -4.78 -11.54 16.49
C LEU A 226 -4.86 -11.22 15.00
N ILE A 227 -3.76 -11.39 14.30
CA ILE A 227 -3.75 -11.20 12.87
C ILE A 227 -3.23 -12.46 12.21
N VAL A 228 -4.16 -13.19 11.59
CA VAL A 228 -4.00 -14.52 11.01
C VAL A 228 -4.70 -14.57 9.65
N SER A 229 -4.77 -13.42 8.97
CA SER A 229 -5.34 -13.39 7.63
C SER A 229 -4.46 -14.20 6.71
N GLY A 230 -5.01 -14.65 5.58
CA GLY A 230 -4.26 -15.46 4.63
C GLY A 230 -3.76 -16.79 5.18
N ASN A 231 -4.61 -17.56 5.88
CA ASN A 231 -4.28 -18.85 6.34
C ASN A 231 -5.27 -19.88 5.70
N ARG A 232 -5.49 -21.02 6.32
CA ARG A 232 -6.51 -21.88 5.77
C ARG A 232 -7.49 -22.26 6.89
N LEU A 233 -7.76 -21.34 7.80
CA LEU A 233 -8.55 -21.59 9.01
C LEU A 233 -9.98 -21.97 8.68
N THR A 234 -10.41 -23.11 9.23
CA THR A 234 -11.81 -23.49 9.15
C THR A 234 -12.63 -23.10 10.39
N SER A 235 -12.00 -22.50 11.39
CA SER A 235 -12.70 -22.03 12.59
C SER A 235 -11.72 -21.22 13.42
N LEU A 236 -12.32 -20.47 14.36
CA LEU A 236 -11.61 -19.78 15.46
C LEU A 236 -12.13 -20.25 16.78
N PRO A 237 -11.26 -20.32 17.81
CA PRO A 237 -11.74 -20.76 19.12
C PRO A 237 -12.34 -19.54 19.79
N VAL A 238 -12.80 -19.73 21.02
CA VAL A 238 -13.38 -18.60 21.80
C VAL A 238 -12.46 -17.40 21.85
N LEU A 239 -12.98 -16.19 21.67
CA LEU A 239 -12.13 -15.02 21.70
C LEU A 239 -12.05 -14.43 23.08
N PRO A 240 -10.85 -14.00 23.47
CA PRO A 240 -10.76 -13.50 24.84
C PRO A 240 -11.34 -12.09 24.95
N SER A 241 -11.88 -11.78 26.11
CA SER A 241 -12.68 -10.59 26.28
C SER A 241 -11.90 -9.29 26.06
N GLU A 242 -10.56 -9.33 26.08
CA GLU A 242 -9.78 -8.08 25.90
C GLU A 242 -9.23 -7.87 24.50
N LEU A 243 -9.60 -8.75 23.56
CA LEU A 243 -9.16 -8.61 22.17
C LEU A 243 -9.65 -7.31 21.59
N LYS A 244 -8.70 -6.57 20.99
CA LYS A 244 -8.97 -5.30 20.31
C LYS A 244 -8.93 -5.42 18.74
N GLU A 245 -8.05 -6.27 18.22
CA GLU A 245 -7.87 -6.47 16.77
C GLU A 245 -8.09 -7.88 16.32
N LEU A 246 -9.08 -8.09 15.43
CA LEU A 246 -9.38 -9.41 14.88
C LEU A 246 -9.30 -9.36 13.38
N MET A 247 -8.19 -9.79 12.82
CA MET A 247 -7.96 -9.69 11.35
C MET A 247 -7.75 -11.09 10.85
N VAL A 248 -8.77 -11.65 10.20
CA VAL A 248 -8.83 -13.06 9.85
C VAL A 248 -9.35 -13.17 8.41
N SER A 249 -9.12 -12.13 7.62
CA SER A 249 -9.53 -12.21 6.22
C SER A 249 -8.85 -13.30 5.39
N GLY A 250 -9.46 -13.75 4.27
CA GLY A 250 -8.71 -14.73 3.46
C GLY A 250 -8.52 -16.03 4.20
N ASN A 251 -9.58 -16.54 4.83
CA ASN A 251 -9.50 -17.88 5.47
C ASN A 251 -10.69 -18.69 4.98
N ARG A 252 -11.06 -19.76 5.67
CA ARG A 252 -12.20 -20.61 5.25
C ARG A 252 -13.21 -20.64 6.35
N LEU A 253 -13.45 -19.52 7.03
CA LEU A 253 -14.32 -19.56 8.23
C LEU A 253 -15.82 -19.61 7.81
N THR A 254 -16.55 -20.55 8.39
CA THR A 254 -17.98 -20.71 8.15
C THR A 254 -18.84 -20.02 9.21
N SER A 255 -18.26 -19.74 10.37
CA SER A 255 -18.88 -18.86 11.34
C SER A 255 -17.82 -18.12 12.22
N LEU A 256 -18.28 -17.14 12.95
CA LEU A 256 -17.41 -16.43 13.90
C LEU A 256 -17.84 -16.71 15.32
N PRO A 257 -16.86 -16.75 16.25
CA PRO A 257 -17.32 -16.73 17.67
C PRO A 257 -18.07 -15.46 18.11
N MET A 258 -18.64 -15.48 19.32
CA MET A 258 -19.08 -14.23 19.95
C MET A 258 -17.94 -13.21 19.90
N LEU A 259 -18.26 -11.99 19.53
CA LEU A 259 -17.24 -10.92 19.36
C LEU A 259 -17.12 -10.13 20.67
N PRO A 260 -15.88 -10.01 21.22
CA PRO A 260 -15.64 -9.24 22.47
C PRO A 260 -16.09 -7.80 22.30
N SER A 261 -16.87 -7.24 23.23
CA SER A 261 -17.38 -5.86 23.14
C SER A 261 -16.39 -4.74 22.84
N GLY A 262 -15.10 -4.94 23.16
CA GLY A 262 -14.08 -3.90 23.01
C GLY A 262 -13.28 -3.96 21.69
N LEU A 263 -13.74 -4.83 20.78
CA LEU A 263 -13.06 -5.04 19.51
C LEU A 263 -13.04 -3.70 18.75
N LEU A 264 -11.87 -3.30 18.30
CA LEU A 264 -11.73 -2.05 17.54
C LEU A 264 -11.61 -2.27 16.02
N SER A 265 -11.21 -3.47 15.60
CA SER A 265 -11.23 -3.82 14.15
C SER A 265 -11.69 -5.24 13.96
N LEU A 266 -12.59 -5.43 13.01
CA LEU A 266 -13.05 -6.75 12.69
C LEU A 266 -12.88 -6.88 11.14
N SER A 267 -11.91 -7.70 10.71
CA SER A 267 -11.68 -7.85 9.27
C SER A 267 -11.88 -9.31 8.98
N VAL A 268 -12.95 -9.63 8.25
CA VAL A 268 -13.32 -10.99 8.02
C VAL A 268 -13.64 -11.18 6.54
N TYR A 269 -13.16 -10.29 5.68
CA TYR A 269 -13.46 -10.40 4.27
C TYR A 269 -12.86 -11.66 3.68
N ARG A 270 -13.50 -12.20 2.64
CA ARG A 270 -13.06 -13.42 1.91
C ARG A 270 -13.04 -14.63 2.81
N ASN A 271 -14.20 -14.89 3.39
CA ASN A 271 -14.37 -16.07 4.19
C ASN A 271 -15.57 -16.84 3.63
N GLN A 272 -16.16 -17.70 4.45
CA GLN A 272 -17.32 -18.42 4.01
C GLN A 272 -18.50 -18.24 5.01
N LEU A 273 -18.61 -17.05 5.61
CA LEU A 273 -19.59 -16.76 6.62
C LEU A 273 -20.99 -16.66 6.03
N THR A 274 -21.94 -17.39 6.58
CA THR A 274 -23.31 -17.24 6.09
C THR A 274 -24.20 -16.48 7.07
N ARG A 275 -23.74 -16.34 8.31
CA ARG A 275 -24.45 -15.68 9.41
C ARG A 275 -23.49 -14.76 10.14
N LEU A 276 -24.04 -13.80 10.90
CA LEU A 276 -23.23 -12.93 11.72
C LEU A 276 -23.57 -13.01 13.19
N PRO A 277 -22.54 -12.98 14.08
CA PRO A 277 -22.92 -12.87 15.52
C PRO A 277 -23.69 -11.58 15.85
N GLU A 278 -24.67 -11.73 16.70
CA GLU A 278 -25.48 -10.60 17.10
C GLU A 278 -24.62 -9.60 17.84
N SER A 279 -23.53 -10.07 18.47
CA SER A 279 -22.62 -9.19 19.23
C SER A 279 -21.98 -8.16 18.30
N LEU A 280 -22.08 -8.35 17.00
CA LEU A 280 -21.42 -7.45 16.08
C LEU A 280 -22.02 -6.07 16.18
N ILE A 281 -23.33 -6.01 16.45
CA ILE A 281 -24.09 -4.74 16.46
C ILE A 281 -23.89 -3.90 17.71
N HIS A 282 -23.27 -4.53 18.69
CA HIS A 282 -22.98 -3.92 19.97
C HIS A 282 -21.57 -3.38 20.05
N LEU A 283 -20.83 -3.55 18.97
CA LEU A 283 -19.49 -3.02 18.90
C LEU A 283 -19.53 -1.47 18.86
N SER A 284 -18.42 -0.80 19.20
CA SER A 284 -18.49 0.65 19.28
C SER A 284 -18.62 1.24 17.89
N SER A 285 -19.17 2.45 17.88
CA SER A 285 -19.34 3.23 16.66
C SER A 285 -18.02 3.53 15.93
N GLU A 286 -16.87 3.52 16.62
CA GLU A 286 -15.58 3.71 15.96
C GLU A 286 -14.92 2.39 15.42
N THR A 287 -15.46 1.24 15.80
CA THR A 287 -14.89 -0.05 15.39
C THR A 287 -14.97 -0.12 13.87
N THR A 288 -13.90 -0.58 13.24
CA THR A 288 -13.95 -0.87 11.77
C THR A 288 -14.39 -2.29 11.43
N VAL A 289 -15.35 -2.44 10.49
CA VAL A 289 -15.94 -3.77 10.13
C VAL A 289 -15.94 -3.98 8.62
N ASN A 290 -15.24 -5.02 8.17
CA ASN A 290 -15.21 -5.37 6.77
C ASN A 290 -15.68 -6.84 6.62
N LEU A 291 -16.85 -7.00 6.00
CA LEU A 291 -17.53 -8.25 5.79
C LEU A 291 -17.52 -8.68 4.32
N GLU A 292 -16.82 -7.95 3.48
CA GLU A 292 -16.85 -8.26 2.02
C GLU A 292 -16.45 -9.71 1.69
N GLY A 293 -17.00 -10.24 0.60
CA GLY A 293 -16.66 -11.57 0.11
C GLY A 293 -16.98 -12.68 1.10
N ASN A 294 -18.22 -12.70 1.61
CA ASN A 294 -18.81 -13.80 2.41
C ASN A 294 -20.21 -14.07 1.86
N PRO A 295 -20.58 -15.36 1.77
CA PRO A 295 -21.94 -15.74 1.34
C PRO A 295 -22.95 -15.44 2.43
N LEU A 296 -23.17 -14.18 2.77
CA LEU A 296 -24.11 -13.87 3.86
C LEU A 296 -25.53 -14.19 3.37
N SER A 297 -26.26 -14.90 4.21
CA SER A 297 -27.61 -15.25 3.80
C SER A 297 -28.48 -14.03 3.51
N GLU A 298 -29.58 -14.25 2.79
CA GLU A 298 -30.51 -13.15 2.47
C GLU A 298 -31.05 -12.50 3.72
N ARG A 299 -31.47 -13.31 4.66
CA ARG A 299 -32.00 -12.77 5.92
C ARG A 299 -30.92 -12.03 6.74
N THR A 300 -29.72 -12.58 6.79
CA THR A 300 -28.60 -11.93 7.47
C THR A 300 -28.45 -10.50 6.99
N LEU A 301 -28.40 -10.37 5.67
CA LEU A 301 -28.20 -9.05 5.03
C LEU A 301 -29.45 -8.11 5.23
N GLN A 302 -30.62 -8.73 5.20
CA GLN A 302 -31.87 -8.05 5.52
C GLN A 302 -31.81 -7.51 6.94
N ALA A 303 -31.53 -8.42 7.89
CA ALA A 303 -31.51 -8.05 9.31
C ALA A 303 -30.50 -6.93 9.53
N LEU A 304 -29.33 -7.04 8.90
CA LEU A 304 -28.32 -5.96 8.94
C LEU A 304 -28.80 -4.62 8.46
N ARG A 305 -29.45 -4.60 7.30
CA ARG A 305 -29.97 -3.36 6.75
C ARG A 305 -31.00 -2.73 7.67
N GLU A 306 -31.79 -3.59 8.29
CA GLU A 306 -32.79 -3.13 9.20
C GLU A 306 -32.17 -2.46 10.40
N ILE A 307 -31.20 -3.11 11.02
CA ILE A 307 -30.59 -2.61 12.25
C ILE A 307 -29.76 -1.35 11.98
N THR A 308 -28.82 -1.41 11.04
CA THR A 308 -27.97 -0.26 10.73
C THR A 308 -28.75 0.96 10.19
N SER A 309 -29.92 0.71 9.58
CA SER A 309 -30.74 1.79 9.01
C SER A 309 -31.61 2.46 10.06
N ALA A 310 -31.82 1.81 11.23
CA ALA A 310 -32.73 2.33 12.26
C ALA A 310 -32.23 3.70 12.75
N PRO A 311 -33.18 4.57 13.14
CA PRO A 311 -32.61 5.79 13.72
C PRO A 311 -32.15 5.44 15.13
N GLY A 312 -31.09 6.11 15.57
CA GLY A 312 -30.52 5.74 16.87
C GLY A 312 -29.53 4.57 16.82
N TYR A 313 -29.35 3.93 15.66
CA TYR A 313 -28.27 2.94 15.47
C TYR A 313 -26.96 3.56 15.88
N SER A 314 -26.23 2.87 16.77
CA SER A 314 -25.03 3.45 17.35
C SER A 314 -23.85 2.47 17.26
N GLY A 315 -23.98 1.43 16.41
CA GLY A 315 -22.91 0.49 16.19
C GLY A 315 -21.91 0.88 15.11
N PRO A 316 -21.12 -0.10 14.66
CA PRO A 316 -20.04 0.26 13.73
C PRO A 316 -20.54 0.58 12.33
N ILE A 317 -19.75 1.31 11.58
CA ILE A 317 -19.95 1.36 10.10
C ILE A 317 -19.46 0.01 9.52
N ILE A 318 -20.33 -0.60 8.72
CA ILE A 318 -20.09 -1.95 8.17
C ILE A 318 -19.89 -1.95 6.64
N ARG A 319 -18.72 -2.41 6.19
CA ARG A 319 -18.46 -2.45 4.74
C ARG A 319 -18.90 -3.81 4.28
N PHE A 320 -19.60 -3.93 3.15
CA PHE A 320 -19.98 -5.27 2.68
C PHE A 320 -19.93 -5.26 1.15
N ASP A 321 -20.11 -6.44 0.56
CA ASP A 321 -20.42 -6.51 -0.87
C ASP A 321 -21.30 -7.69 -1.23
N MET A 322 -21.43 -7.93 -2.52
CA MET A 322 -22.24 -9.07 -2.93
C MET A 322 -21.43 -10.22 -3.57
N ALA A 323 -20.10 -10.21 -3.42
CA ALA A 323 -19.24 -11.20 -4.09
C ALA A 323 -19.48 -12.63 -3.62
N GLY A 324 -19.98 -12.82 -2.38
CA GLY A 324 -20.08 -14.18 -1.85
C GLY A 324 -18.70 -14.78 -1.61
N ALA A 325 -18.63 -16.12 -1.52
CA ALA A 325 -17.36 -16.76 -1.21
C ALA A 325 -16.45 -16.78 -2.43
N GLU A 330 -7.73 -21.86 -13.41
CA GLU A 330 -8.74 -20.82 -13.58
C GLU A 330 -8.38 -19.68 -14.53
N THR A 331 -7.12 -19.22 -14.46
CA THR A 331 -6.62 -18.18 -15.36
C THR A 331 -6.21 -18.83 -16.68
N ARG A 332 -7.03 -18.64 -17.70
CA ARG A 332 -6.69 -19.14 -19.04
C ARG A 332 -5.61 -18.31 -19.66
N ALA A 333 -5.00 -18.83 -20.72
CA ALA A 333 -4.10 -18.04 -21.58
C ALA A 333 -4.85 -16.85 -22.16
N LEU A 334 -4.26 -15.67 -21.97
CA LEU A 334 -4.88 -14.43 -22.43
C LEU A 334 -5.50 -14.52 -23.83
N HIS A 335 -4.86 -15.25 -24.75
CA HIS A 335 -5.37 -15.38 -26.14
C HIS A 335 -6.67 -16.17 -26.25
N LEU A 336 -6.90 -17.08 -25.29
CA LEU A 336 -8.16 -17.84 -25.20
C LEU A 336 -9.28 -16.90 -24.67
N ALA A 337 -8.97 -16.21 -23.56
CA ALA A 337 -9.85 -15.15 -23.01
C ALA A 337 -10.20 -14.11 -24.05
N ALA A 338 -9.19 -13.64 -24.81
CA ALA A 338 -9.45 -12.64 -25.84
C ALA A 338 -10.23 -13.17 -27.09
N ALA A 339 -9.88 -14.37 -27.55
CA ALA A 339 -10.60 -15.00 -28.69
C ALA A 339 -12.12 -15.09 -28.51
N ASP A 340 -12.54 -15.27 -27.25
CA ASP A 340 -13.97 -15.36 -26.92
C ASP A 340 -14.74 -14.08 -27.26
N TRP A 341 -14.03 -12.94 -27.24
CA TRP A 341 -14.64 -11.64 -27.50
C TRP A 341 -14.42 -11.14 -28.92
N LEU A 342 -13.22 -11.35 -29.46
CA LEU A 342 -12.87 -10.77 -30.78
C LEU A 342 -13.74 -11.35 -31.90
N VAL A 343 -14.29 -10.44 -32.74
CA VAL A 343 -15.03 -10.81 -33.96
C VAL A 343 -14.08 -11.26 -35.08
N PRO A 344 -14.42 -12.33 -35.83
CA PRO A 344 -13.47 -12.77 -36.86
C PRO A 344 -13.69 -12.06 -38.17
N ALA A 353 -6.86 -12.46 -32.74
CA ALA A 353 -6.41 -13.15 -31.53
C ALA A 353 -4.93 -13.57 -31.61
N ASP A 354 -4.41 -13.69 -32.84
CA ASP A 354 -2.98 -13.97 -33.13
C ASP A 354 -2.11 -13.06 -32.29
N ARG A 355 -2.40 -11.76 -32.37
CA ARG A 355 -1.70 -10.74 -31.59
C ARG A 355 -1.66 -11.05 -30.09
N TRP A 356 -2.68 -11.73 -29.57
CA TRP A 356 -2.88 -11.86 -28.11
C TRP A 356 -2.00 -12.92 -27.44
N HIS A 357 -1.41 -13.77 -28.28
CA HIS A 357 -0.34 -14.69 -27.88
C HIS A 357 0.84 -13.91 -27.31
N MET A 358 1.37 -12.97 -28.10
CA MET A 358 2.46 -12.11 -27.64
C MET A 358 2.06 -11.30 -26.43
N PHE A 359 0.84 -10.73 -26.42
CA PHE A 359 0.38 -9.91 -25.27
C PHE A 359 0.34 -10.74 -23.99
N GLY A 360 0.12 -12.06 -24.14
CA GLY A 360 0.03 -12.98 -22.99
C GLY A 360 1.18 -12.90 -22.00
N GLN A 361 2.37 -12.56 -22.52
CA GLN A 361 3.62 -12.46 -21.74
C GLN A 361 3.88 -11.07 -21.21
N GLU A 362 3.08 -10.09 -21.59
CA GLU A 362 3.28 -8.73 -21.08
C GLU A 362 2.69 -8.66 -19.68
N ASP A 363 3.50 -8.44 -18.67
CA ASP A 363 3.06 -7.82 -17.42
C ASP A 363 1.53 -7.60 -17.18
N ASN A 364 1.00 -8.12 -16.07
CA ASN A 364 -0.46 -8.12 -15.74
C ASN A 364 -1.43 -8.78 -16.74
N ALA A 365 -0.91 -9.47 -17.74
CA ALA A 365 -1.73 -10.11 -18.75
C ALA A 365 -2.73 -11.14 -18.19
N ASP A 366 -2.32 -11.85 -17.14
CA ASP A 366 -3.17 -12.80 -16.41
C ASP A 366 -4.39 -12.10 -15.78
N ALA A 367 -4.09 -11.04 -15.00
CA ALA A 367 -5.10 -10.17 -14.38
C ALA A 367 -6.18 -9.82 -15.39
N PHE A 368 -5.77 -9.32 -16.54
CA PHE A 368 -6.67 -8.96 -17.65
C PHE A 368 -7.33 -10.14 -18.30
N SER A 369 -6.61 -11.28 -18.37
CA SER A 369 -7.26 -12.51 -18.88
C SER A 369 -8.47 -12.91 -17.99
N LEU A 370 -8.21 -12.96 -16.69
CA LEU A 370 -9.22 -13.24 -15.69
C LEU A 370 -10.39 -12.23 -15.82
N PHE A 371 -10.08 -10.94 -15.95
CA PHE A 371 -11.08 -9.88 -16.16
C PHE A 371 -11.99 -10.15 -17.30
N LEU A 372 -11.44 -10.52 -18.44
CA LEU A 372 -12.29 -10.72 -19.62
C LEU A 372 -13.27 -11.91 -19.42
N ASP A 373 -12.81 -12.96 -18.71
CA ASP A 373 -13.64 -14.15 -18.45
C ASP A 373 -14.80 -13.76 -17.54
N ARG A 374 -14.48 -12.96 -16.52
CA ARG A 374 -15.50 -12.41 -15.66
C ARG A 374 -16.52 -11.52 -16.40
N LEU A 375 -16.11 -10.85 -17.48
CA LEU A 375 -16.99 -9.88 -18.18
C LEU A 375 -18.13 -10.57 -18.89
N SER A 376 -17.90 -11.85 -19.23
CA SER A 376 -18.94 -12.64 -19.90
C SER A 376 -20.01 -13.13 -18.93
N GLU A 377 -19.91 -12.77 -17.65
CA GLU A 377 -20.90 -13.25 -16.65
C GLU A 377 -21.63 -12.09 -15.98
N THR A 378 -21.74 -11.01 -16.74
CA THR A 378 -22.22 -9.75 -16.19
C THR A 378 -23.56 -9.51 -16.81
N GLU A 379 -24.34 -8.66 -16.16
CA GLU A 379 -25.63 -8.26 -16.63
C GLU A 379 -25.55 -7.62 -18.04
N ASN A 380 -24.51 -6.81 -18.32
CA ASN A 380 -24.39 -6.25 -19.67
C ASN A 380 -24.31 -7.41 -20.68
N PHE A 381 -23.49 -8.41 -20.37
CA PHE A 381 -23.35 -9.56 -21.31
C PHE A 381 -24.70 -10.28 -21.55
N ILE A 382 -25.36 -10.64 -20.45
CA ILE A 382 -26.75 -11.18 -20.46
C ILE A 382 -27.80 -10.34 -21.20
N LYS A 383 -27.82 -9.03 -20.99
CA LYS A 383 -28.92 -8.20 -21.49
C LYS A 383 -28.66 -7.29 -22.71
N ASP A 384 -27.42 -7.15 -23.16
CA ASP A 384 -27.13 -6.19 -24.24
C ASP A 384 -26.47 -6.96 -25.36
N ALA A 385 -27.23 -7.30 -26.41
CA ALA A 385 -26.71 -8.08 -27.54
C ALA A 385 -25.52 -7.40 -28.21
N GLY A 386 -25.46 -6.08 -28.13
CA GLY A 386 -24.29 -5.31 -28.63
C GLY A 386 -22.98 -5.35 -27.86
N PHE A 387 -23.02 -5.95 -26.67
CA PHE A 387 -21.92 -5.87 -25.74
C PHE A 387 -20.72 -6.61 -26.25
N LYS A 388 -20.93 -7.71 -26.96
CA LYS A 388 -19.75 -8.44 -27.41
C LYS A 388 -18.92 -7.57 -28.40
N ALA A 389 -19.63 -6.79 -29.21
CA ALA A 389 -19.01 -6.06 -30.29
C ALA A 389 -18.28 -4.82 -29.75
N GLN A 390 -18.85 -4.17 -28.74
CA GLN A 390 -18.23 -3.00 -28.16
C GLN A 390 -16.93 -3.43 -27.43
N ILE A 391 -16.93 -4.60 -26.80
CA ILE A 391 -15.73 -5.09 -26.11
C ILE A 391 -14.66 -5.45 -27.18
N SER A 392 -15.12 -5.98 -28.32
CA SER A 392 -14.24 -6.32 -29.48
C SER A 392 -13.53 -5.08 -30.07
N SER A 393 -14.29 -3.99 -30.28
CA SER A 393 -13.72 -2.70 -30.76
C SER A 393 -12.64 -2.20 -29.82
N TRP A 394 -12.96 -2.24 -28.52
CA TRP A 394 -12.05 -1.83 -27.49
C TRP A 394 -10.85 -2.77 -27.44
N LEU A 395 -11.07 -4.07 -27.50
CA LEU A 395 -9.90 -4.96 -27.51
C LEU A 395 -8.95 -4.61 -28.70
N ALA A 396 -9.53 -4.26 -29.84
CA ALA A 396 -8.80 -3.90 -31.06
C ALA A 396 -8.03 -2.59 -30.95
N GLN A 397 -8.61 -1.64 -30.19
CA GLN A 397 -7.91 -0.41 -29.89
C GLN A 397 -6.76 -0.67 -28.95
N LEU A 398 -6.97 -1.58 -28.01
CA LEU A 398 -5.94 -2.00 -27.09
C LEU A 398 -4.76 -2.67 -27.80
N ALA A 399 -5.05 -3.44 -28.84
CA ALA A 399 -4.01 -4.15 -29.55
C ALA A 399 -3.05 -3.17 -30.28
N GLU A 400 -3.52 -1.97 -30.62
CA GLU A 400 -2.68 -1.01 -31.33
C GLU A 400 -1.95 0.04 -30.52
N ASP A 401 -1.98 -0.07 -29.20
CA ASP A 401 -1.46 1.01 -28.37
C ASP A 401 -0.94 0.45 -27.09
N GLU A 402 0.37 0.34 -27.05
CA GLU A 402 1.08 -0.44 -26.04
C GLU A 402 1.03 0.23 -24.71
N ALA A 403 1.10 1.54 -24.76
CA ALA A 403 0.95 2.39 -23.61
C ALA A 403 -0.42 2.20 -22.92
N LEU A 404 -1.49 2.29 -23.70
CA LEU A 404 -2.86 2.12 -23.22
C LEU A 404 -3.11 0.73 -22.69
N ARG A 405 -2.66 -0.22 -23.48
CA ARG A 405 -2.76 -1.64 -23.14
C ARG A 405 -2.10 -1.96 -21.83
N ALA A 406 -0.86 -1.48 -21.62
CA ALA A 406 -0.21 -1.64 -20.31
C ALA A 406 -1.03 -1.06 -19.13
N ASN A 407 -1.58 0.14 -19.32
CA ASN A 407 -2.39 0.79 -18.26
C ASN A 407 -3.68 0.07 -17.99
N THR A 408 -4.28 -0.43 -19.06
CA THR A 408 -5.52 -1.20 -18.98
C THR A 408 -5.35 -2.56 -18.27
N PHE A 409 -4.32 -3.31 -18.64
CA PHE A 409 -3.99 -4.60 -18.01
C PHE A 409 -3.76 -4.43 -16.51
N ALA A 410 -2.99 -3.39 -16.16
CA ALA A 410 -2.67 -3.04 -14.80
C ALA A 410 -3.93 -2.75 -13.98
N MET A 411 -4.91 -2.14 -14.65
CA MET A 411 -6.16 -1.81 -13.99
C MET A 411 -6.98 -3.03 -13.60
N ALA A 412 -6.88 -4.10 -14.39
CA ALA A 412 -7.54 -5.40 -14.08
C ALA A 412 -7.11 -6.10 -12.75
N THR A 413 -6.08 -5.54 -12.09
CA THR A 413 -5.53 -6.10 -10.84
C THR A 413 -6.59 -6.27 -9.70
N GLU A 414 -7.54 -5.32 -9.57
CA GLU A 414 -9.01 -5.63 -9.37
C GLU A 414 -9.49 -5.12 -10.71
N ALA A 415 -10.52 -5.65 -11.38
CA ALA A 415 -11.87 -5.84 -10.92
C ALA A 415 -12.26 -7.19 -10.42
N THR A 416 -11.29 -8.09 -10.36
CA THR A 416 -11.60 -9.49 -10.22
C THR A 416 -11.85 -9.88 -8.75
N SER A 417 -11.65 -8.91 -7.86
CA SER A 417 -11.72 -9.05 -6.39
C SER A 417 -13.13 -9.26 -5.86
N SER A 418 -14.13 -9.16 -6.71
CA SER A 418 -15.47 -9.00 -6.15
C SER A 418 -16.56 -9.53 -7.09
N CYS A 419 -17.74 -8.91 -7.02
CA CYS A 419 -18.84 -9.38 -7.78
C CYS A 419 -18.81 -8.75 -9.21
N GLU A 420 -19.81 -9.14 -9.97
CA GLU A 420 -20.14 -8.68 -11.27
C GLU A 420 -20.09 -7.15 -11.38
N ASP A 421 -20.69 -6.44 -10.42
CA ASP A 421 -20.71 -4.97 -10.50
C ASP A 421 -19.36 -4.32 -10.31
N ARG A 422 -18.48 -4.96 -9.54
CA ARG A 422 -17.09 -4.43 -9.39
C ARG A 422 -16.34 -4.59 -10.69
N VAL A 423 -16.54 -5.71 -11.39
CA VAL A 423 -15.98 -5.89 -12.73
C VAL A 423 -16.49 -4.82 -13.69
N THR A 424 -17.79 -4.55 -13.63
CA THR A 424 -18.47 -3.56 -14.51
C THR A 424 -17.97 -2.13 -14.24
N PHE A 425 -17.87 -1.82 -12.96
CA PHE A 425 -17.24 -0.60 -12.54
C PHE A 425 -15.82 -0.43 -13.03
N PHE A 426 -14.98 -1.47 -12.92
CA PHE A 426 -13.63 -1.37 -13.47
C PHE A 426 -13.58 -1.23 -15.01
N LEU A 427 -14.59 -1.77 -15.70
CA LEU A 427 -14.71 -1.58 -17.15
C LEU A 427 -14.88 -0.07 -17.44
N HIS A 428 -15.73 0.59 -16.65
CA HIS A 428 -16.02 2.04 -16.77
C HIS A 428 -14.75 2.86 -16.55
N GLN A 429 -13.98 2.46 -15.53
CA GLN A 429 -12.68 3.08 -15.21
C GLN A 429 -11.64 2.86 -16.33
N MET A 430 -11.62 1.68 -16.94
CA MET A 430 -10.76 1.44 -18.09
C MET A 430 -11.12 2.27 -19.32
N LYS A 431 -12.42 2.46 -19.53
CA LYS A 431 -12.91 3.23 -20.63
C LYS A 431 -12.62 4.75 -20.45
N ASN A 432 -12.73 5.25 -19.23
CA ASN A 432 -12.31 6.59 -18.81
C ASN A 432 -10.79 6.77 -19.11
N VAL A 433 -9.98 5.81 -18.70
CA VAL A 433 -8.53 5.87 -18.96
C VAL A 433 -8.28 5.98 -20.44
N GLN A 434 -9.02 5.19 -21.21
CA GLN A 434 -8.87 5.20 -22.65
C GLN A 434 -9.20 6.56 -23.30
N LEU A 435 -10.30 7.20 -22.87
CA LEU A 435 -10.66 8.54 -23.38
C LEU A 435 -9.62 9.63 -23.08
N VAL A 436 -9.18 9.71 -21.84
CA VAL A 436 -8.05 10.60 -21.46
C VAL A 436 -6.81 10.31 -22.34
N HIS A 437 -6.51 9.02 -22.46
CA HIS A 437 -5.37 8.61 -23.28
C HIS A 437 -5.49 9.16 -24.70
N ASN A 438 -6.64 8.90 -25.35
CA ASN A 438 -6.89 9.31 -26.71
C ASN A 438 -6.69 10.85 -26.90
N ALA A 439 -7.26 11.60 -25.97
CA ALA A 439 -7.15 13.10 -25.92
C ALA A 439 -5.65 13.53 -25.81
N GLU A 440 -4.97 12.99 -24.80
CA GLU A 440 -3.56 13.19 -24.53
C GLU A 440 -2.70 12.84 -25.71
N LYS A 441 -2.89 11.64 -26.28
CA LYS A 441 -2.16 11.23 -27.50
C LYS A 441 -2.34 12.10 -28.77
N GLY A 442 -3.52 12.69 -29.00
CA GLY A 442 -3.73 13.47 -30.21
C GLY A 442 -4.85 13.01 -31.11
N GLN A 443 -5.62 12.02 -30.66
CA GLN A 443 -6.69 11.50 -31.46
C GLN A 443 -7.68 12.58 -31.79
N TYR A 444 -7.80 13.60 -30.92
CA TYR A 444 -8.86 14.60 -31.19
C TYR A 444 -8.29 15.97 -31.57
N ASP A 445 -7.01 16.05 -31.96
CA ASP A 445 -6.42 17.37 -32.32
C ASP A 445 -7.12 18.01 -33.54
N ASN A 446 -7.78 17.23 -34.37
CA ASN A 446 -8.49 17.77 -35.52
C ASN A 446 -9.98 17.51 -35.45
N ASP A 447 -10.41 17.14 -34.25
CA ASP A 447 -11.81 16.95 -33.94
C ASP A 447 -12.03 17.56 -32.56
N LEU A 448 -12.06 18.90 -32.54
CA LEU A 448 -12.11 19.61 -31.28
C LEU A 448 -13.49 19.52 -30.61
N ALA A 449 -14.57 19.26 -31.36
CA ALA A 449 -15.87 19.01 -30.69
C ALA A 449 -15.72 17.69 -29.90
N ALA A 450 -15.02 16.71 -30.48
CA ALA A 450 -14.72 15.45 -29.73
C ALA A 450 -13.84 15.71 -28.53
N LEU A 451 -12.90 16.62 -28.67
CA LEU A 451 -12.08 16.94 -27.53
C LEU A 451 -12.89 17.57 -26.37
N VAL A 452 -13.78 18.50 -26.74
CA VAL A 452 -14.57 19.20 -25.76
C VAL A 452 -15.58 18.21 -25.17
N ALA A 453 -16.15 17.33 -25.99
CA ALA A 453 -17.11 16.31 -25.46
C ALA A 453 -16.49 15.41 -24.41
N THR A 454 -15.27 15.00 -24.67
CA THR A 454 -14.49 14.12 -23.73
C THR A 454 -14.24 14.91 -22.45
N GLY A 455 -13.90 16.18 -22.60
CA GLY A 455 -13.70 17.02 -21.41
C GLY A 455 -14.91 17.13 -20.51
N ARG A 456 -16.07 17.40 -21.11
CA ARG A 456 -17.31 17.44 -20.40
C ARG A 456 -17.63 16.13 -19.76
N GLU A 457 -17.35 15.04 -20.45
CA GLU A 457 -17.65 13.74 -19.85
C GLU A 457 -16.82 13.45 -18.61
N MET A 458 -15.53 13.80 -18.68
CA MET A 458 -14.58 13.70 -17.58
C MET A 458 -14.93 14.60 -16.45
N PHE A 459 -15.37 15.83 -16.77
CA PHE A 459 -15.85 16.73 -15.73
C PHE A 459 -17.02 16.12 -14.94
N ARG A 460 -17.98 15.54 -15.67
CA ARG A 460 -19.17 14.96 -15.04
C ARG A 460 -18.88 13.70 -14.21
N LEU A 461 -18.09 12.81 -14.75
CA LEU A 461 -17.63 11.65 -14.00
C LEU A 461 -16.88 12.04 -12.72
N GLY A 462 -15.98 13.02 -12.83
CA GLY A 462 -15.28 13.54 -11.65
C GLY A 462 -16.26 14.04 -10.61
N LYS A 463 -17.26 14.83 -11.04
CA LYS A 463 -18.29 15.28 -10.10
C LYS A 463 -19.08 14.08 -9.47
N LEU A 464 -19.40 13.06 -10.28
CA LEU A 464 -20.03 11.85 -9.71
C LEU A 464 -19.18 11.13 -8.68
N GLU A 465 -17.87 11.11 -8.90
CA GLU A 465 -17.00 10.49 -7.92
C GLU A 465 -17.15 11.21 -6.57
N GLN A 466 -17.16 12.54 -6.60
CA GLN A 466 -17.25 13.29 -5.34
C GLN A 466 -18.61 13.11 -4.72
N ILE A 467 -19.64 13.14 -5.57
CA ILE A 467 -21.02 12.91 -5.05
C ILE A 467 -21.15 11.50 -4.42
N ALA A 468 -20.50 10.50 -5.00
CA ALA A 468 -20.62 9.16 -4.48
C ALA A 468 -19.85 9.02 -3.18
N ARG A 469 -18.69 9.66 -3.08
CA ARG A 469 -17.93 9.67 -1.86
C ARG A 469 -18.70 10.31 -0.71
N GLU A 470 -19.36 11.43 -1.00
CA GLU A 470 -20.25 12.05 -0.06
C GLU A 470 -21.39 11.15 0.38
N LYS A 471 -22.08 10.52 -0.57
CA LYS A 471 -23.16 9.58 -0.19
C LYS A 471 -22.65 8.38 0.68
N VAL A 472 -21.50 7.81 0.31
CA VAL A 472 -20.84 6.77 1.11
C VAL A 472 -20.70 7.23 2.58
N ARG A 473 -20.24 8.46 2.85
CA ARG A 473 -20.12 8.89 4.25
C ARG A 473 -21.42 8.88 5.06
N THR A 474 -22.56 8.86 4.38
CA THR A 474 -23.83 8.93 5.07
C THR A 474 -24.42 7.57 5.45
N LEU A 475 -23.73 6.51 5.02
CA LEU A 475 -24.25 5.15 5.07
C LEU A 475 -23.57 4.26 6.12
N ALA A 476 -24.35 3.69 7.00
CA ALA A 476 -23.78 2.79 8.04
C ALA A 476 -23.51 1.34 7.56
N LEU A 477 -24.22 0.92 6.53
CA LEU A 477 -23.95 -0.34 5.88
C LEU A 477 -23.69 0.03 4.43
N VAL A 478 -22.45 -0.22 3.96
CA VAL A 478 -22.00 0.35 2.67
C VAL A 478 -21.20 -0.61 1.79
N ASP A 479 -21.54 -0.56 0.51
CA ASP A 479 -20.68 -1.11 -0.54
C ASP A 479 -20.31 0.10 -1.39
N GLU A 480 -19.13 0.67 -1.13
CA GLU A 480 -18.72 1.91 -1.78
C GLU A 480 -18.63 1.82 -3.29
N ILE A 481 -18.24 0.66 -3.82
CA ILE A 481 -18.23 0.50 -5.28
C ILE A 481 -19.64 0.45 -5.88
N GLU A 482 -20.57 -0.22 -5.22
CA GLU A 482 -21.97 -0.19 -5.67
C GLU A 482 -22.54 1.21 -5.72
N VAL A 483 -22.29 1.98 -4.65
CA VAL A 483 -22.64 3.40 -4.58
C VAL A 483 -22.12 4.16 -5.76
N TRP A 484 -20.84 4.07 -6.06
CA TRP A 484 -20.29 4.88 -7.13
C TRP A 484 -20.85 4.41 -8.49
N LEU A 485 -20.92 3.09 -8.65
CA LEU A 485 -21.49 2.53 -9.84
C LEU A 485 -22.92 2.91 -10.08
N ALA A 486 -23.75 2.84 -9.04
CA ALA A 486 -25.16 3.29 -9.14
C ALA A 486 -25.31 4.69 -9.72
N TYR A 487 -24.51 5.65 -9.23
CA TYR A 487 -24.55 6.99 -9.86
C TYR A 487 -24.18 7.03 -11.34
N GLN A 488 -23.09 6.35 -11.76
CA GLN A 488 -22.66 6.26 -13.16
C GLN A 488 -23.76 5.64 -14.04
N ASN A 489 -24.18 4.47 -13.61
CA ASN A 489 -25.23 3.71 -14.29
C ASN A 489 -26.56 4.44 -14.43
N LYS A 490 -27.09 4.99 -13.35
CA LYS A 490 -28.42 5.59 -13.42
C LYS A 490 -28.47 6.97 -14.11
N LEU A 491 -27.34 7.66 -14.17
CA LEU A 491 -27.22 8.95 -14.80
C LEU A 491 -26.56 8.94 -16.14
N LYS A 492 -26.26 7.75 -16.69
CA LYS A 492 -25.63 7.60 -18.03
C LYS A 492 -26.32 8.35 -19.15
N LYS A 493 -27.65 8.20 -19.20
CA LYS A 493 -28.46 8.86 -20.23
C LYS A 493 -28.52 10.36 -19.98
N SER A 494 -28.97 10.74 -18.79
CA SER A 494 -29.13 12.12 -18.56
C SER A 494 -27.82 12.91 -18.58
N LEU A 495 -26.69 12.25 -18.31
CA LEU A 495 -25.44 13.00 -18.33
C LEU A 495 -24.60 12.68 -19.55
N GLY A 496 -25.12 11.92 -20.50
CA GLY A 496 -24.31 11.58 -21.69
C GLY A 496 -22.97 10.89 -21.38
N LEU A 497 -23.01 9.91 -20.45
CA LEU A 497 -21.80 9.16 -20.11
C LEU A 497 -21.54 7.99 -21.08
N THR A 498 -21.05 8.35 -22.24
CA THR A 498 -20.70 7.39 -23.27
C THR A 498 -19.76 6.27 -22.83
N SER A 499 -18.91 6.48 -21.82
CA SER A 499 -17.91 5.48 -21.41
C SER A 499 -18.54 4.45 -20.42
N VAL A 500 -19.77 4.74 -20.03
CA VAL A 500 -20.47 3.95 -19.03
C VAL A 500 -21.35 2.96 -19.82
N THR A 501 -21.45 1.73 -19.30
CA THR A 501 -22.36 0.71 -19.87
C THR A 501 -23.76 0.87 -19.28
N SER A 502 -24.73 0.23 -19.95
CA SER A 502 -26.15 0.24 -19.59
C SER A 502 -26.66 -0.52 -18.33
N GLU A 503 -25.98 -1.59 -17.95
CA GLU A 503 -26.51 -2.55 -17.01
C GLU A 503 -25.60 -2.73 -15.79
N MET A 504 -26.29 -2.98 -14.69
CA MET A 504 -25.74 -3.30 -13.42
C MET A 504 -26.74 -4.25 -12.73
N ARG A 505 -26.21 -5.05 -11.84
CA ARG A 505 -26.97 -6.14 -11.18
C ARG A 505 -27.55 -5.77 -9.77
N PHE A 506 -26.78 -5.08 -8.93
CA PHE A 506 -27.12 -4.96 -7.49
C PHE A 506 -27.46 -3.54 -7.07
N PHE A 507 -28.12 -2.79 -7.95
CA PHE A 507 -28.58 -1.46 -7.59
C PHE A 507 -29.45 -1.46 -6.34
N ASP A 508 -30.26 -2.49 -6.15
CA ASP A 508 -31.13 -2.58 -4.95
C ASP A 508 -30.42 -2.54 -3.60
N VAL A 509 -29.15 -2.87 -3.56
CA VAL A 509 -28.38 -2.84 -2.32
C VAL A 509 -27.41 -1.67 -2.22
N SER A 510 -27.39 -0.78 -3.24
CA SER A 510 -26.46 0.35 -3.30
C SER A 510 -26.70 1.37 -2.21
N GLY A 511 -27.95 1.48 -1.74
CA GLY A 511 -28.33 2.51 -0.84
C GLY A 511 -28.61 3.86 -1.51
N VAL A 512 -28.63 3.91 -2.85
CA VAL A 512 -28.82 5.15 -3.61
C VAL A 512 -30.27 5.24 -4.04
N THR A 513 -30.92 6.33 -3.62
CA THR A 513 -32.36 6.53 -3.76
C THR A 513 -32.62 7.30 -5.03
N VAL A 514 -33.90 7.35 -5.43
CA VAL A 514 -34.37 8.15 -6.55
C VAL A 514 -34.14 9.65 -6.32
N THR A 515 -34.34 10.13 -5.09
CA THR A 515 -34.05 11.50 -4.74
C THR A 515 -32.54 11.80 -4.82
N ASP A 516 -31.72 10.85 -4.40
CA ASP A 516 -30.28 11.01 -4.52
C ASP A 516 -29.85 11.26 -5.97
N LEU A 517 -30.40 10.45 -6.87
CA LEU A 517 -30.05 10.50 -8.26
C LEU A 517 -30.54 11.79 -8.94
N GLN A 518 -31.75 12.21 -8.56
CA GLN A 518 -32.34 13.45 -9.01
C GLN A 518 -31.52 14.68 -8.59
N ASP A 519 -31.06 14.68 -7.33
CA ASP A 519 -30.20 15.77 -6.82
C ASP A 519 -28.80 15.75 -7.46
N ALA A 520 -28.25 14.56 -7.69
CA ALA A 520 -26.92 14.49 -8.34
C ALA A 520 -26.99 14.99 -9.78
N GLU A 521 -28.02 14.61 -10.52
CA GLU A 521 -28.25 15.21 -11.87
C GLU A 521 -28.26 16.74 -11.85
N LEU A 522 -28.99 17.30 -10.89
CA LEU A 522 -29.13 18.73 -10.77
C LEU A 522 -27.81 19.40 -10.44
N GLN A 523 -27.09 18.85 -9.44
CA GLN A 523 -25.78 19.38 -9.03
C GLN A 523 -24.75 19.34 -10.13
N VAL A 524 -24.73 18.28 -10.92
CA VAL A 524 -23.67 18.16 -11.89
C VAL A 524 -24.00 19.13 -13.00
N LYS A 525 -25.25 19.22 -13.43
CA LYS A 525 -25.58 20.16 -14.52
C LYS A 525 -25.35 21.63 -14.10
N ALA A 526 -25.63 21.96 -12.84
CA ALA A 526 -25.42 23.30 -12.28
C ALA A 526 -23.89 23.62 -12.24
N ALA A 527 -23.10 22.69 -11.71
CA ALA A 527 -21.66 22.82 -11.66
C ALA A 527 -21.01 23.00 -13.03
N GLU A 528 -21.46 22.23 -14.00
CA GLU A 528 -20.82 22.26 -15.32
C GLU A 528 -21.05 23.63 -15.96
N LYS A 529 -22.30 24.09 -15.90
CA LYS A 529 -22.68 25.42 -16.42
C LYS A 529 -21.76 26.48 -15.76
N SER A 530 -21.62 26.43 -14.44
CA SER A 530 -20.82 27.38 -13.69
C SER A 530 -19.28 27.21 -13.85
N GLU A 531 -18.80 25.98 -13.92
CA GLU A 531 -17.38 25.77 -13.67
C GLU A 531 -16.60 25.33 -14.91
N PHE A 532 -17.29 24.83 -15.93
CA PHE A 532 -16.58 24.03 -16.92
C PHE A 532 -15.53 24.84 -17.66
N ARG A 533 -15.84 26.10 -18.00
CA ARG A 533 -14.98 26.83 -18.93
C ARG A 533 -13.63 27.07 -18.23
N GLU A 534 -13.68 27.27 -16.92
CA GLU A 534 -12.45 27.48 -16.18
C GLU A 534 -11.82 26.14 -15.87
N TRP A 535 -12.65 25.14 -15.62
CA TRP A 535 -12.15 23.82 -15.28
C TRP A 535 -11.29 23.20 -16.40
N ILE A 536 -11.68 23.43 -17.66
CA ILE A 536 -11.00 22.85 -18.82
C ILE A 536 -9.58 23.44 -19.01
N LEU A 537 -9.36 24.64 -18.49
CA LEU A 537 -8.01 25.25 -18.44
C LEU A 537 -6.97 24.46 -17.68
N GLN A 538 -7.43 23.74 -16.64
CA GLN A 538 -6.60 22.86 -15.82
C GLN A 538 -6.66 21.41 -16.25
N TRP A 539 -7.45 21.10 -17.28
CA TRP A 539 -7.53 19.72 -17.74
C TRP A 539 -6.28 19.26 -18.49
N GLY A 540 -5.64 18.20 -18.00
CA GLY A 540 -4.34 17.74 -18.53
C GLY A 540 -4.29 17.44 -20.01
N PRO A 541 -5.27 16.68 -20.51
CA PRO A 541 -5.28 16.45 -21.97
C PRO A 541 -5.35 17.74 -22.81
N LEU A 542 -6.12 18.74 -22.38
CA LEU A 542 -6.08 20.03 -23.07
C LEU A 542 -4.67 20.65 -23.11
N HIS A 543 -3.92 20.57 -22.01
CA HIS A 543 -2.51 20.99 -22.08
C HIS A 543 -1.67 20.28 -23.15
N ARG A 544 -1.80 18.94 -23.26
CA ARG A 544 -1.17 18.15 -24.33
C ARG A 544 -1.56 18.66 -25.72
N VAL A 545 -2.84 18.90 -25.90
CA VAL A 545 -3.28 19.46 -27.20
C VAL A 545 -2.70 20.87 -27.48
N LEU A 546 -2.75 21.76 -26.48
CA LEU A 546 -2.17 23.10 -26.64
C LEU A 546 -0.69 23.02 -26.94
N GLU A 547 0.05 22.22 -26.19
CA GLU A 547 1.50 22.11 -26.47
C GLU A 547 1.88 21.65 -27.86
N ARG A 548 1.07 20.76 -28.45
CA ARG A 548 1.17 20.44 -29.89
C ARG A 548 0.86 21.54 -30.87
N LYS A 549 -0.20 22.30 -30.61
CA LYS A 549 -0.66 23.34 -31.54
C LYS A 549 0.13 24.62 -31.39
N ALA A 550 0.66 24.87 -30.19
CA ALA A 550 1.38 26.11 -29.98
C ALA A 550 2.63 25.90 -29.13
N PRO A 551 3.59 25.11 -29.64
CA PRO A 551 4.62 24.64 -28.72
C PRO A 551 5.46 25.77 -28.11
N GLU A 552 5.83 26.78 -28.91
CA GLU A 552 6.65 27.88 -28.41
C GLU A 552 5.94 28.74 -27.35
N ARG A 553 4.65 29.00 -27.55
CA ARG A 553 3.96 29.84 -26.57
C ARG A 553 3.73 29.16 -25.24
N VAL A 554 3.46 27.87 -25.32
CA VAL A 554 3.17 27.11 -24.11
C VAL A 554 4.46 26.87 -23.34
N ASN A 555 5.57 26.61 -24.04
CA ASN A 555 6.84 26.44 -23.36
C ASN A 555 7.27 27.72 -22.62
N ALA A 556 7.14 28.85 -23.29
CA ALA A 556 7.33 30.19 -22.72
C ALA A 556 6.51 30.39 -21.46
N LEU A 557 5.20 30.07 -21.50
CA LEU A 557 4.32 30.16 -20.34
C LEU A 557 4.75 29.29 -19.15
N ARG A 558 5.26 28.10 -19.45
CA ARG A 558 5.73 27.16 -18.41
C ARG A 558 6.99 27.67 -17.76
N GLU A 559 7.96 28.06 -18.59
CA GLU A 559 9.18 28.68 -18.11
C GLU A 559 8.90 29.93 -17.27
N LYS A 560 7.90 30.71 -17.68
CA LYS A 560 7.52 31.90 -16.91
C LYS A 560 6.87 31.49 -15.60
N GLN A 561 6.05 30.42 -15.62
CA GLN A 561 5.39 29.95 -14.39
C GLN A 561 6.47 29.66 -13.39
N ILE A 562 7.53 28.98 -13.85
CA ILE A 562 8.60 28.61 -12.89
C ILE A 562 9.27 29.88 -12.29
N SER A 563 9.71 30.77 -13.20
CA SER A 563 10.36 32.03 -12.81
C SER A 563 9.47 32.85 -11.89
N ASP A 564 8.19 32.99 -12.23
CA ASP A 564 7.23 33.75 -11.40
C ASP A 564 7.21 33.25 -9.96
N TYR A 565 7.18 31.93 -9.79
CA TYR A 565 7.24 31.35 -8.44
C TYR A 565 8.49 31.84 -7.71
N GLU A 566 9.66 31.65 -8.29
CA GLU A 566 10.93 32.04 -7.64
C GLU A 566 10.92 33.52 -7.28
N GLU A 567 10.54 34.37 -8.23
CA GLU A 567 10.53 35.84 -8.02
C GLU A 567 9.48 36.25 -6.99
N THR A 568 8.33 35.57 -7.00
CA THR A 568 7.28 35.91 -6.06
C THR A 568 7.68 35.43 -4.64
N TYR A 569 8.26 34.21 -4.57
CA TYR A 569 8.85 33.74 -3.31
C TYR A 569 9.73 34.80 -2.66
N ARG A 570 10.71 35.27 -3.42
CA ARG A 570 11.71 36.21 -2.95
C ARG A 570 11.07 37.51 -2.46
N MET A 571 10.18 38.10 -3.28
CA MET A 571 9.44 39.29 -2.89
C MET A 571 8.64 39.08 -1.58
N LEU A 572 7.92 37.94 -1.47
CA LEU A 572 7.17 37.65 -0.22
C LEU A 572 8.13 37.49 0.95
N SER A 573 9.24 36.79 0.72
CA SER A 573 10.28 36.69 1.74
C SER A 573 10.80 38.06 2.16
N ASP A 574 11.20 38.90 1.21
CA ASP A 574 11.70 40.25 1.53
C ASP A 574 10.66 41.15 2.17
N THR A 575 9.44 41.12 1.62
CA THR A 575 8.43 42.08 2.09
C THR A 575 7.66 41.64 3.32
N GLU A 576 7.53 40.33 3.54
CA GLU A 576 6.74 39.84 4.69
C GLU A 576 7.55 39.11 5.72
N LEU A 577 8.41 38.18 5.30
CA LEU A 577 9.18 37.40 6.28
C LEU A 577 10.26 38.24 6.94
N ARG A 578 11.09 38.85 6.12
CA ARG A 578 12.18 39.66 6.62
C ARG A 578 11.77 40.66 7.68
N PRO A 579 10.73 41.47 7.46
CA PRO A 579 10.53 42.43 8.54
C PRO A 579 10.17 41.74 9.86
N SER A 580 9.57 40.55 9.82
CA SER A 580 9.21 39.84 11.06
C SER A 580 10.48 39.39 11.80
N GLY A 581 10.57 38.23 12.42
CA GLY A 581 10.39 36.96 11.74
C GLY A 581 11.67 36.79 10.94
N LEU A 582 11.78 35.80 10.08
CA LEU A 582 10.92 34.64 9.95
C LEU A 582 11.59 33.98 8.79
N VAL A 583 12.65 34.64 8.32
CA VAL A 583 13.35 34.20 7.14
C VAL A 583 14.02 32.80 7.33
N GLY A 584 14.46 32.47 8.54
CA GLY A 584 14.86 31.07 8.80
C GLY A 584 13.66 30.13 8.94
N ASN A 585 12.60 30.63 9.57
CA ASN A 585 11.40 29.88 9.93
C ASN A 585 10.76 29.01 8.85
N THR A 586 10.97 27.70 8.95
CA THR A 586 10.52 26.75 7.92
C THR A 586 8.99 26.75 7.69
N ASP A 587 8.21 27.08 8.73
CA ASP A 587 6.74 27.16 8.65
C ASP A 587 6.20 28.35 7.90
N ALA A 588 6.79 29.52 8.15
CA ALA A 588 6.45 30.76 7.44
C ALA A 588 6.86 30.68 5.97
N GLU A 589 7.99 30.03 5.71
CA GLU A 589 8.48 29.80 4.36
C GLU A 589 7.65 28.79 3.56
N ARG A 590 6.93 27.91 4.26
CA ARG A 590 6.02 26.97 3.62
C ARG A 590 4.79 27.76 3.20
N THR A 591 4.32 28.61 4.08
CA THR A 591 3.14 29.42 3.83
C THR A 591 3.33 30.37 2.63
N ILE A 592 4.52 30.96 2.48
CA ILE A 592 4.72 31.88 1.34
C ILE A 592 5.02 31.13 0.07
N GLY A 593 5.74 30.01 0.18
CA GLY A 593 6.01 29.15 -0.96
C GLY A 593 4.70 28.70 -1.58
N ALA A 594 3.72 28.34 -0.73
CA ALA A 594 2.42 27.84 -1.19
C ALA A 594 1.65 28.95 -1.91
N ARG A 595 1.69 30.13 -1.29
CA ARG A 595 1.17 31.36 -1.89
C ARG A 595 1.83 31.79 -3.23
N ALA A 596 3.16 31.62 -3.34
CA ALA A 596 3.89 31.92 -4.55
C ALA A 596 3.58 30.91 -5.69
N MET A 597 3.29 29.65 -5.35
CA MET A 597 2.87 28.67 -6.37
C MET A 597 1.52 29.01 -7.02
N GLU A 598 0.55 29.39 -6.19
CA GLU A 598 -0.84 29.69 -6.51
C GLU A 598 -0.93 30.95 -7.35
N SER A 599 -0.32 32.00 -6.82
CA SER A 599 -0.02 33.22 -7.58
C SER A 599 0.56 32.88 -8.98
N ALA A 600 1.70 32.19 -9.06
CA ALA A 600 2.33 31.85 -10.34
C ALA A 600 1.41 30.98 -11.22
N LYS A 601 0.65 30.09 -10.58
CA LYS A 601 -0.32 29.22 -11.29
C LYS A 601 -1.40 30.07 -11.88
N LYS A 602 -1.95 30.99 -11.11
CA LYS A 602 -3.05 31.78 -11.61
C LYS A 602 -2.65 32.66 -12.80
N THR A 603 -1.41 33.17 -12.75
CA THR A 603 -0.83 33.92 -13.86
C THR A 603 -0.64 33.02 -15.08
N PHE A 604 -0.23 31.78 -14.85
CA PHE A 604 -0.02 30.85 -15.92
C PHE A 604 -1.34 30.57 -16.71
N LEU A 605 -2.39 30.28 -15.95
CA LEU A 605 -3.70 30.03 -16.52
C LEU A 605 -4.27 31.27 -17.20
N ASP A 606 -3.87 32.44 -16.73
CA ASP A 606 -4.22 33.68 -17.41
C ASP A 606 -3.63 33.75 -18.80
N GLY A 607 -2.42 33.22 -18.99
CA GLY A 607 -1.79 33.28 -20.29
C GLY A 607 -2.27 32.15 -21.17
N LEU A 608 -2.69 31.05 -20.56
CA LEU A 608 -3.39 29.97 -21.32
C LEU A 608 -4.77 30.36 -21.86
N ARG A 609 -5.55 31.04 -21.04
CA ARG A 609 -6.99 31.35 -21.32
C ARG A 609 -7.26 31.89 -22.76
N PRO A 610 -6.53 32.92 -23.19
CA PRO A 610 -6.70 33.43 -24.57
C PRO A 610 -6.37 32.40 -25.64
N LEU A 611 -5.40 31.53 -25.34
CA LEU A 611 -4.96 30.50 -26.28
C LEU A 611 -6.05 29.45 -26.40
N VAL A 612 -6.69 29.13 -25.27
CA VAL A 612 -7.78 28.19 -25.27
C VAL A 612 -8.98 28.83 -25.97
N GLU A 613 -9.25 30.12 -25.68
CA GLU A 613 -10.38 30.82 -26.25
C GLU A 613 -10.24 30.83 -27.80
N GLU A 614 -9.04 31.08 -28.31
CA GLU A 614 -8.84 31.04 -29.75
C GLU A 614 -9.06 29.64 -30.34
N MET A 615 -8.41 28.64 -29.76
CA MET A 615 -8.49 27.27 -30.29
C MET A 615 -9.89 26.66 -30.14
N LEU A 616 -10.50 26.89 -28.97
CA LEU A 616 -11.72 26.20 -28.55
C LEU A 616 -13.02 27.00 -28.44
N GLY A 617 -12.94 28.33 -28.46
CA GLY A 617 -14.17 29.11 -28.27
C GLY A 617 -15.37 28.63 -29.13
N SER A 618 -15.18 28.39 -30.43
CA SER A 618 -16.31 27.98 -31.29
C SER A 618 -16.81 26.58 -30.99
N TYR A 619 -16.11 25.87 -30.11
CA TYR A 619 -16.48 24.49 -29.66
C TYR A 619 -17.09 24.46 -28.23
N LEU A 620 -17.10 25.61 -27.54
CA LEU A 620 -17.50 25.63 -26.17
C LEU A 620 -18.88 26.18 -26.01
N ASN A 621 -19.61 26.39 -27.09
CA ASN A 621 -21.09 26.62 -26.96
C ASN A 621 -21.77 25.30 -26.65
N VAL A 622 -22.94 25.34 -26.02
CA VAL A 622 -23.81 24.14 -26.02
C VAL A 622 -24.04 23.49 -27.40
#